data_5UB6
#
_entry.id   5UB6
#
_cell.length_a   66.544
_cell.length_b   66.860
_cell.length_c   113.033
_cell.angle_alpha   90.00
_cell.angle_beta   90.00
_cell.angle_gamma   90.00
#
_symmetry.space_group_name_H-M   'P 21 21 21'
#
loop_
_entity.id
_entity.type
_entity.pdbx_description
1 polymer 'Phosphate-binding protein'
2 non-polymer 'PYROPHOSPHATE 2-'
3 water water
#
_entity_poly.entity_id   1
_entity_poly.type   'polypeptide(L)'
_entity_poly.pdbx_seq_one_letter_code
;MSSVLVLGRISDDPASHYEQLKPLLDYVVPRMREVGIRRGEILMAPDARQMSSYLRRGRVDWVSETTGAAMLLEQRGSAH
PLLMTERGGLRDFHTLFFVRRDSPIHSLSQLRGHTLALQNASSTSGYLLPMLELLRNGIACDVLLSADDTPARGSAGYLM
VGSKLNVAAFVHKHLIDVGALSNVDWDDERHMPPVFKRDFRIVHRTAPVPRAVEMVRTGMDPAVEQRLRVVLLQAASDPK
AGPALKRFFDTTGFRPLDPTSRRRLQELSAGVQRVRDHVE
;
_entity_poly.pdbx_strand_id   A,B
#
loop_
_chem_comp.id
_chem_comp.type
_chem_comp.name
_chem_comp.formula
POP non-polymer 'PYROPHOSPHATE 2-' 'H2 O7 P2 -2'
#
# COMPACT_ATOMS: atom_id res chain seq x y z
N SER A 2 22.78 -21.79 10.19
CA SER A 2 22.33 -21.47 8.79
C SER A 2 21.74 -22.65 7.97
N SER A 3 22.08 -23.90 8.31
CA SER A 3 21.13 -25.01 8.20
C SER A 3 20.27 -25.20 9.52
N VAL A 4 20.39 -24.26 10.47
CA VAL A 4 19.65 -24.32 11.71
C VAL A 4 18.73 -23.11 11.71
N LEU A 5 17.46 -23.33 12.05
CA LEU A 5 16.50 -22.23 12.28
C LEU A 5 16.32 -22.00 13.78
N VAL A 6 16.63 -20.80 14.25
CA VAL A 6 16.55 -20.46 15.68
C VAL A 6 15.38 -19.52 15.96
N LEU A 7 14.46 -20.02 16.80
CA LEU A 7 13.29 -19.28 17.17
C LEU A 7 13.51 -18.75 18.56
N GLY A 8 13.13 -17.52 18.79
CA GLY A 8 13.36 -16.96 20.09
C GLY A 8 12.26 -16.07 20.52
N ARG A 9 12.43 -15.57 21.75
CA ARG A 9 11.69 -14.42 22.27
C ARG A 9 12.40 -13.79 23.47
N ILE A 10 11.98 -12.57 23.74
CA ILE A 10 12.46 -11.82 24.87
C ILE A 10 11.67 -12.42 26.03
N SER A 11 12.33 -12.82 27.09
CA SER A 11 11.62 -13.55 28.13
C SER A 11 12.25 -13.38 29.47
N ASP A 12 11.46 -13.05 30.48
CA ASP A 12 11.91 -13.09 31.89
C ASP A 12 11.66 -14.42 32.56
N ASP A 13 11.11 -15.39 31.83
CA ASP A 13 10.81 -16.73 32.37
C ASP A 13 11.07 -17.78 31.28
N PRO A 14 12.34 -17.98 30.91
CA PRO A 14 12.65 -18.92 29.83
C PRO A 14 12.09 -20.34 30.05
N ALA A 15 12.27 -20.86 31.25
CA ALA A 15 11.78 -22.21 31.60
C ALA A 15 10.32 -22.44 31.25
N SER A 16 9.48 -21.40 31.29
CA SER A 16 8.04 -21.52 30.99
C SER A 16 7.63 -21.16 29.58
N HIS A 17 8.43 -20.35 28.89
CA HIS A 17 8.11 -19.95 27.52
C HIS A 17 8.72 -20.85 26.47
N TYR A 18 9.60 -21.75 26.91
CA TYR A 18 10.12 -22.79 26.05
C TYR A 18 8.96 -23.61 25.44
N GLU A 19 7.96 -23.97 26.26
CA GLU A 19 6.85 -24.84 25.79
C GLU A 19 5.97 -24.14 24.74
N GLN A 20 5.95 -22.81 24.76
CA GLN A 20 5.15 -22.03 23.82
C GLN A 20 5.79 -21.94 22.43
N LEU A 21 7.11 -22.06 22.39
CA LEU A 21 7.87 -22.02 21.14
C LEU A 21 8.14 -23.37 20.45
N LYS A 22 8.38 -24.42 21.24
N LYS A 22 8.38 -24.42 21.24
CA LYS A 22 8.88 -25.69 20.66
CA LYS A 22 8.87 -25.70 20.68
C LYS A 22 7.89 -26.38 19.70
C LYS A 22 7.89 -26.38 19.72
N PRO A 23 6.59 -26.41 20.04
CA PRO A 23 5.61 -27.06 19.15
C PRO A 23 5.58 -26.43 17.75
N LEU A 24 5.43 -25.11 17.69
CA LEU A 24 5.43 -24.45 16.39
C LEU A 24 6.74 -24.64 15.62
N LEU A 25 7.86 -24.66 16.31
CA LEU A 25 9.16 -24.85 15.66
C LEU A 25 9.24 -26.23 15.01
N ASP A 26 8.71 -27.22 15.72
CA ASP A 26 8.64 -28.63 15.26
C ASP A 26 7.70 -28.78 14.11
N TYR A 27 6.66 -27.96 14.05
CA TYR A 27 5.81 -27.89 12.85
C TYR A 27 6.55 -27.22 11.67
N VAL A 28 7.29 -26.15 11.95
CA VAL A 28 7.96 -25.36 10.92
C VAL A 28 9.16 -26.05 10.26
N VAL A 29 10.08 -26.59 11.06
CA VAL A 29 11.43 -27.06 10.57
C VAL A 29 11.36 -28.05 9.38
N PRO A 30 10.54 -29.11 9.51
CA PRO A 30 10.40 -30.08 8.39
C PRO A 30 9.87 -29.47 7.12
N ARG A 31 9.05 -28.44 7.24
CA ARG A 31 8.55 -27.74 6.08
C ARG A 31 9.53 -26.76 5.47
N MET A 32 10.70 -26.61 6.07
CA MET A 32 11.73 -25.70 5.60
C MET A 32 12.92 -26.46 5.00
N ARG A 33 12.82 -27.78 4.86
CA ARG A 33 13.96 -28.56 4.38
C ARG A 33 14.44 -28.17 3.01
N GLU A 34 13.49 -27.96 2.12
CA GLU A 34 13.75 -27.50 0.74
C GLU A 34 14.55 -26.18 0.58
N VAL A 35 14.64 -25.36 1.64
CA VAL A 35 15.52 -24.14 1.62
C VAL A 35 16.78 -24.28 2.50
N GLY A 36 17.12 -25.50 2.91
CA GLY A 36 18.38 -25.77 3.63
C GLY A 36 18.28 -25.92 5.14
N ILE A 37 17.08 -25.76 5.66
CA ILE A 37 16.90 -25.91 7.09
C ILE A 37 16.80 -27.39 7.38
N ARG A 38 17.59 -27.84 8.32
CA ARG A 38 17.57 -29.23 8.77
C ARG A 38 17.14 -29.40 10.20
N ARG A 39 17.35 -28.40 11.05
CA ARG A 39 17.04 -28.54 12.45
C ARG A 39 16.64 -27.17 13.01
N GLY A 40 16.01 -27.23 14.16
CA GLY A 40 15.46 -26.09 14.81
C GLY A 40 16.08 -25.97 16.19
N GLU A 41 16.26 -24.72 16.64
CA GLU A 41 16.66 -24.42 18.02
C GLU A 41 15.88 -23.24 18.63
N ILE A 42 15.81 -23.22 19.96
CA ILE A 42 15.19 -22.16 20.71
C ILE A 42 16.31 -21.38 21.43
N LEU A 43 16.31 -20.05 21.30
CA LEU A 43 17.21 -19.20 22.03
C LEU A 43 16.45 -17.96 22.42
N MET A 44 16.30 -17.78 23.73
CA MET A 44 15.57 -16.67 24.27
C MET A 44 16.56 -15.67 24.85
N ALA A 45 16.13 -14.42 25.01
CA ALA A 45 16.97 -13.39 25.64
C ALA A 45 16.20 -12.60 26.75
N PRO A 46 16.93 -12.06 27.77
CA PRO A 46 16.22 -11.35 28.88
C PRO A 46 15.55 -10.01 28.54
N ASP A 47 16.03 -9.33 27.50
CA ASP A 47 15.48 -8.02 27.10
C ASP A 47 15.75 -7.78 25.63
N ALA A 48 15.19 -6.71 25.11
CA ALA A 48 15.37 -6.29 23.70
C ALA A 48 16.81 -6.00 23.33
N ARG A 49 17.60 -5.47 24.25
CA ARG A 49 19.00 -5.12 23.95
C ARG A 49 19.83 -6.37 23.62
N GLN A 50 19.71 -7.38 24.47
CA GLN A 50 20.43 -8.63 24.26
C GLN A 50 19.84 -9.44 23.11
N MET A 51 18.53 -9.38 22.91
CA MET A 51 17.95 -10.07 21.76
C MET A 51 18.49 -9.46 20.46
N SER A 52 18.63 -8.13 20.45
CA SER A 52 19.18 -7.41 19.27
C SER A 52 20.56 -7.88 19.00
N SER A 53 21.34 -8.02 20.05
CA SER A 53 22.68 -8.55 19.87
C SER A 53 22.66 -9.91 19.22
N TYR A 54 21.86 -10.82 19.75
CA TYR A 54 21.74 -12.15 19.14
C TYR A 54 21.28 -12.06 17.69
N LEU A 55 20.25 -11.25 17.47
CA LEU A 55 19.75 -11.03 16.11
C LEU A 55 20.86 -10.59 15.18
N ARG A 56 21.57 -9.53 15.57
CA ARG A 56 22.60 -8.92 14.71
C ARG A 56 23.74 -9.86 14.44
N ARG A 57 24.08 -10.69 15.43
CA ARG A 57 25.16 -11.68 15.28
C ARG A 57 24.70 -12.99 14.66
N GLY A 58 23.43 -13.11 14.31
CA GLY A 58 22.92 -14.32 13.66
C GLY A 58 22.65 -15.49 14.58
N ARG A 59 22.55 -15.27 15.88
CA ARG A 59 22.32 -16.36 16.81
C ARG A 59 20.83 -16.64 16.95
N VAL A 60 19.98 -15.69 16.58
CA VAL A 60 18.55 -15.91 16.54
C VAL A 60 18.06 -15.48 15.16
N ASP A 61 17.16 -16.28 14.58
CA ASP A 61 16.59 -15.98 13.25
C ASP A 61 15.25 -15.29 13.26
N TRP A 62 14.38 -15.71 14.14
CA TRP A 62 12.96 -15.40 14.05
C TRP A 62 12.45 -15.20 15.46
N VAL A 63 11.78 -14.08 15.72
CA VAL A 63 11.06 -13.90 16.96
C VAL A 63 9.63 -13.43 16.67
N SER A 64 8.71 -13.79 17.56
CA SER A 64 7.33 -13.32 17.52
C SER A 64 7.14 -12.38 18.69
N GLU A 65 6.90 -11.09 18.43
CA GLU A 65 6.86 -10.07 19.49
C GLU A 65 5.66 -9.13 19.32
N THR A 66 5.31 -8.45 20.41
CA THR A 66 4.40 -7.33 20.34
C THR A 66 5.11 -6.22 19.63
N THR A 67 4.31 -5.35 19.01
CA THR A 67 4.82 -4.43 18.02
C THR A 67 5.78 -3.36 18.50
N GLY A 68 5.67 -2.91 19.77
CA GLY A 68 6.62 -1.94 20.30
C GLY A 68 8.00 -2.60 20.44
N ALA A 69 8.01 -3.76 21.07
CA ALA A 69 9.21 -4.57 21.20
C ALA A 69 9.83 -4.88 19.86
N ALA A 70 8.99 -5.20 18.87
CA ALA A 70 9.47 -5.42 17.49
C ALA A 70 10.24 -4.24 16.94
N MET A 71 9.70 -3.06 17.15
CA MET A 71 10.30 -1.87 16.63
C MET A 71 11.59 -1.54 17.34
N LEU A 72 11.70 -1.86 18.65
CA LEU A 72 13.00 -1.77 19.33
C LEU A 72 14.02 -2.61 18.60
N LEU A 73 13.62 -3.80 18.22
CA LEU A 73 14.53 -4.69 17.48
C LEU A 73 14.94 -4.09 16.14
N GLU A 74 13.96 -3.55 15.43
CA GLU A 74 14.24 -2.93 14.12
C GLU A 74 15.13 -1.72 14.25
N GLN A 75 14.83 -0.86 15.21
CA GLN A 75 15.63 0.35 15.44
C GLN A 75 17.06 0.06 15.76
N ARG A 76 17.31 -1.06 16.44
CA ARG A 76 18.69 -1.49 16.74
C ARG A 76 19.36 -2.26 15.60
N GLY A 77 18.82 -2.16 14.37
CA GLY A 77 19.43 -2.70 13.16
C GLY A 77 19.34 -4.21 13.04
N SER A 78 18.55 -4.85 13.88
CA SER A 78 18.74 -6.26 14.15
C SER A 78 17.72 -7.21 13.45
N ALA A 79 16.52 -6.70 13.13
CA ALA A 79 15.48 -7.45 12.47
C ALA A 79 14.44 -6.59 11.70
N HIS A 80 13.65 -7.24 10.84
CA HIS A 80 12.59 -6.58 10.05
C HIS A 80 11.31 -7.41 10.02
N PRO A 81 10.15 -6.77 9.84
CA PRO A 81 8.90 -7.53 9.89
C PRO A 81 8.78 -8.61 8.81
N LEU A 82 8.19 -9.75 9.13
CA LEU A 82 7.90 -10.79 8.17
C LEU A 82 6.40 -10.85 7.91
N LEU A 83 5.60 -10.88 8.99
CA LEU A 83 4.15 -11.07 8.92
C LEU A 83 3.46 -10.42 10.14
N MET A 84 2.23 -9.93 9.98
CA MET A 84 1.45 -9.45 11.13
C MET A 84 0.80 -10.66 11.82
N THR A 85 0.70 -10.60 13.14
CA THR A 85 0.25 -11.73 13.94
C THR A 85 -0.93 -11.28 14.72
N GLU A 86 -1.95 -12.14 14.73
CA GLU A 86 -3.20 -11.94 15.41
C GLU A 86 -3.20 -12.95 16.55
N ARG A 87 -3.50 -12.52 17.77
CA ARG A 87 -3.49 -13.41 18.92
C ARG A 87 -4.79 -13.26 19.69
N GLY A 88 -5.29 -14.37 20.18
CA GLY A 88 -6.58 -14.38 20.93
C GLY A 88 -7.76 -13.89 20.11
N GLY A 89 -7.72 -14.11 18.80
CA GLY A 89 -8.75 -13.59 17.92
C GLY A 89 -8.67 -12.08 17.65
N LEU A 90 -7.61 -11.41 18.08
CA LEU A 90 -7.46 -9.96 18.00
C LEU A 90 -6.23 -9.56 17.22
N ARG A 91 -6.45 -8.68 16.26
CA ARG A 91 -5.34 -8.10 15.53
C ARG A 91 -4.76 -6.93 16.26
N ASP A 92 -5.53 -6.26 17.14
CA ASP A 92 -5.08 -5.01 17.77
C ASP A 92 -5.18 -5.09 19.27
N PHE A 93 -4.44 -4.21 19.93
CA PHE A 93 -4.67 -3.96 21.35
C PHE A 93 -4.28 -2.54 21.70
N HIS A 94 -4.57 -2.15 22.94
CA HIS A 94 -4.23 -0.83 23.43
C HIS A 94 -3.89 -0.91 24.89
N THR A 95 -3.31 0.16 25.38
CA THR A 95 -2.99 0.24 26.79
C THR A 95 -4.12 0.95 27.54
N LEU A 96 -4.39 0.48 28.75
CA LEU A 96 -5.23 1.23 29.68
C LEU A 96 -4.52 1.54 30.99
N PHE A 97 -4.87 2.70 31.53
CA PHE A 97 -4.41 3.17 32.83
C PHE A 97 -5.57 2.97 33.78
N PHE A 98 -5.26 2.46 34.97
CA PHE A 98 -6.28 2.17 35.98
C PHE A 98 -5.82 2.56 37.40
N VAL A 99 -6.80 2.86 38.23
CA VAL A 99 -6.60 3.24 39.63
C VAL A 99 -7.54 2.50 40.57
N ARG A 100 -7.27 2.56 41.87
CA ARG A 100 -8.31 2.24 42.85
C ARG A 100 -9.58 3.11 42.65
N ARG A 101 -10.76 2.54 42.83
CA ARG A 101 -11.99 3.33 42.62
C ARG A 101 -12.06 4.60 43.47
N ASP A 102 -11.65 4.47 44.73
CA ASP A 102 -11.49 5.57 45.71
C ASP A 102 -10.49 6.69 45.31
N SER A 103 -9.75 6.50 44.21
CA SER A 103 -8.61 7.36 43.90
C SER A 103 -9.09 8.75 43.58
N PRO A 104 -8.38 9.76 44.06
CA PRO A 104 -8.68 11.07 43.48
C PRO A 104 -8.41 11.20 41.94
N ILE A 105 -7.69 10.27 41.34
CA ILE A 105 -7.34 10.36 39.91
C ILE A 105 -8.52 9.92 39.00
N HIS A 106 -8.95 10.82 38.10
CA HIS A 106 -9.97 10.55 37.10
C HIS A 106 -9.51 10.73 35.62
N SER A 107 -8.28 11.14 35.37
CA SER A 107 -7.82 11.35 34.02
C SER A 107 -6.31 11.26 33.95
N LEU A 108 -5.78 11.14 32.74
CA LEU A 108 -4.35 11.01 32.55
C LEU A 108 -3.56 12.19 33.15
N SER A 109 -4.12 13.38 33.02
CA SER A 109 -3.48 14.62 33.47
C SER A 109 -3.21 14.62 34.94
N GLN A 110 -4.08 13.98 35.69
CA GLN A 110 -3.91 13.89 37.13
C GLN A 110 -2.81 12.94 37.59
N LEU A 111 -2.13 12.26 36.65
CA LEU A 111 -0.91 11.53 36.96
C LEU A 111 0.23 12.39 37.48
N ARG A 112 0.24 13.65 37.06
CA ARG A 112 1.19 14.65 37.57
C ARG A 112 1.13 14.64 39.12
N GLY A 113 2.25 14.39 39.77
CA GLY A 113 2.32 14.26 41.21
C GLY A 113 2.06 12.86 41.73
N HIS A 114 1.83 11.87 40.87
CA HIS A 114 1.47 10.54 41.36
C HIS A 114 2.34 9.48 40.70
N THR A 115 2.31 8.25 41.24
CA THR A 115 3.13 7.17 40.73
C THR A 115 2.45 6.22 39.72
N LEU A 116 3.27 5.61 38.88
CA LEU A 116 2.77 4.74 37.80
C LEU A 116 3.54 3.43 37.88
N ALA A 117 2.82 2.30 37.95
CA ALA A 117 3.45 0.98 37.87
C ALA A 117 3.53 0.55 36.41
N LEU A 118 4.76 0.27 35.98
CA LEU A 118 5.06 -0.28 34.66
C LEU A 118 5.85 -1.59 34.77
N GLN A 119 5.96 -2.30 33.64
CA GLN A 119 6.38 -3.68 33.64
C GLN A 119 7.91 -3.85 33.47
N ASN A 120 8.39 -3.76 32.24
CA ASN A 120 9.81 -3.89 31.94
C ASN A 120 9.99 -3.04 30.71
N ALA A 121 11.22 -2.64 30.43
CA ALA A 121 11.54 -1.78 29.30
C ALA A 121 11.19 -2.34 27.88
N SER A 122 10.98 -3.64 27.75
CA SER A 122 10.67 -4.27 26.47
C SER A 122 9.15 -4.43 26.26
N SER A 123 8.32 -3.93 27.19
CA SER A 123 6.88 -4.25 27.16
C SER A 123 6.22 -3.21 26.31
N THR A 124 5.46 -3.65 25.29
CA THR A 124 4.71 -2.71 24.47
C THR A 124 3.59 -2.05 25.28
N SER A 125 2.70 -2.86 25.83
CA SER A 125 1.55 -2.37 26.51
C SER A 125 1.83 -1.93 27.94
N GLY A 126 2.94 -2.39 28.50
CA GLY A 126 3.26 -2.09 29.91
C GLY A 126 4.36 -1.10 30.13
N TYR A 127 4.96 -0.63 29.04
CA TYR A 127 6.02 0.38 29.11
C TYR A 127 6.00 1.39 27.96
N LEU A 128 6.08 0.91 26.72
CA LEU A 128 6.30 1.79 25.58
C LEU A 128 5.07 2.63 25.27
N LEU A 129 3.90 2.00 25.16
CA LEU A 129 2.64 2.74 24.94
C LEU A 129 2.31 3.72 26.06
N PRO A 130 2.34 3.26 27.32
CA PRO A 130 2.02 4.24 28.36
C PRO A 130 2.99 5.40 28.43
N MET A 131 4.28 5.17 28.32
CA MET A 131 5.21 6.29 28.32
C MET A 131 5.00 7.21 27.15
N LEU A 132 4.76 6.63 25.99
CA LEU A 132 4.50 7.44 24.81
C LEU A 132 3.31 8.33 25.07
N GLU A 133 2.27 7.78 25.71
CA GLU A 133 1.05 8.56 25.97
C GLU A 133 1.33 9.74 26.88
N LEU A 134 2.19 9.54 27.86
CA LEU A 134 2.57 10.58 28.76
C LEU A 134 3.34 11.65 28.02
N LEU A 135 4.34 11.24 27.23
CA LEU A 135 5.13 12.21 26.45
C LEU A 135 4.20 13.11 25.63
N ARG A 136 3.27 12.48 24.92
CA ARG A 136 2.25 13.17 24.14
C ARG A 136 1.43 14.19 24.88
N ASN A 137 1.13 13.91 26.14
CA ASN A 137 0.38 14.88 26.95
C ASN A 137 1.27 15.84 27.76
N GLY A 138 2.56 15.89 27.44
CA GLY A 138 3.50 16.77 28.15
C GLY A 138 3.67 16.44 29.64
N ILE A 139 3.36 15.21 30.02
CA ILE A 139 3.38 14.81 31.40
C ILE A 139 4.76 14.14 31.63
N ALA A 140 5.61 14.86 32.38
CA ALA A 140 6.94 14.40 32.70
C ALA A 140 6.84 13.14 33.55
N CYS A 141 7.70 12.15 33.28
CA CYS A 141 7.73 10.94 34.11
C CYS A 141 9.15 10.47 34.42
N ASP A 142 9.57 10.71 35.67
CA ASP A 142 10.91 10.36 36.13
C ASP A 142 10.93 8.92 36.67
N VAL A 143 11.99 8.18 36.40
CA VAL A 143 12.15 6.88 37.06
C VAL A 143 12.30 7.10 38.57
N LEU A 144 11.49 6.38 39.34
CA LEU A 144 11.58 6.34 40.82
C LEU A 144 12.35 5.09 41.23
N LEU A 145 13.08 5.19 42.31
CA LEU A 145 14.05 4.15 42.65
C LEU A 145 13.44 3.07 43.51
N SER A 146 12.40 3.41 44.26
CA SER A 146 11.74 2.47 45.12
C SER A 146 10.37 2.97 45.44
N ALA A 147 9.59 2.10 46.06
CA ALA A 147 8.24 2.46 46.48
C ALA A 147 8.19 3.53 47.56
N ASP A 148 9.30 3.85 48.24
CA ASP A 148 9.34 5.08 49.10
C ASP A 148 9.62 6.36 48.34
N ASP A 149 10.12 6.24 47.11
CA ASP A 149 10.51 7.40 46.30
C ASP A 149 9.24 8.06 45.78
N THR A 150 9.24 9.37 45.65
CA THR A 150 8.06 10.14 45.32
C THR A 150 8.33 11.00 44.13
N PRO A 151 7.32 11.22 43.29
CA PRO A 151 7.59 12.03 42.11
C PRO A 151 7.88 13.48 42.47
N ALA A 152 8.40 14.20 41.48
CA ALA A 152 8.46 15.66 41.55
C ALA A 152 7.05 16.17 41.60
N ARG A 153 6.87 17.29 42.27
CA ARG A 153 5.57 17.94 42.27
C ARG A 153 5.41 18.44 40.84
N GLY A 154 4.32 18.08 40.19
CA GLY A 154 4.15 18.42 38.78
C GLY A 154 4.69 17.44 37.75
N SER A 155 5.44 16.44 38.19
CA SER A 155 5.75 15.34 37.27
C SER A 155 5.14 14.05 37.81
N ALA A 156 4.92 13.10 36.92
CA ALA A 156 4.64 11.75 37.35
C ALA A 156 5.98 11.05 37.60
N GLY A 157 5.92 9.91 38.26
CA GLY A 157 7.06 9.02 38.35
C GLY A 157 6.63 7.57 38.20
N TYR A 158 7.50 6.76 37.63
CA TYR A 158 7.18 5.38 37.40
C TYR A 158 8.10 4.47 38.16
N LEU A 159 7.53 3.36 38.57
CA LEU A 159 8.22 2.28 39.21
C LEU A 159 8.07 1.06 38.37
N MET A 160 9.21 0.50 37.99
CA MET A 160 9.26 -0.76 37.28
C MET A 160 9.04 -1.90 38.26
N VAL A 161 7.92 -2.59 38.13
CA VAL A 161 7.63 -3.74 38.98
C VAL A 161 7.68 -5.08 38.28
N GLY A 162 8.14 -5.16 37.06
CA GLY A 162 8.32 -6.46 36.38
C GLY A 162 7.04 -7.04 35.77
N SER A 163 6.35 -7.87 36.55
CA SER A 163 5.25 -8.67 36.06
C SER A 163 3.99 -7.87 35.89
N LYS A 164 3.12 -8.32 34.98
CA LYS A 164 1.77 -7.74 34.90
C LYS A 164 0.94 -7.88 36.20
N LEU A 165 1.01 -9.06 36.85
CA LEU A 165 0.35 -9.28 38.15
C LEU A 165 0.82 -8.28 39.19
N ASN A 166 2.11 -7.93 39.14
CA ASN A 166 2.69 -6.93 40.06
C ASN A 166 2.18 -5.54 39.84
N VAL A 167 1.89 -5.19 38.60
CA VAL A 167 1.30 -3.89 38.35
C VAL A 167 -0.05 -3.82 39.02
N ALA A 168 -0.84 -4.89 38.86
CA ALA A 168 -2.17 -4.93 39.48
C ALA A 168 -2.04 -4.95 40.99
N ALA A 169 -1.13 -5.78 41.50
CA ALA A 169 -0.95 -5.97 42.96
C ALA A 169 -0.53 -4.68 43.63
N PHE A 170 0.44 -3.96 43.05
CA PHE A 170 0.99 -2.76 43.68
C PHE A 170 -0.05 -1.66 43.77
N VAL A 171 -0.88 -1.58 42.74
CA VAL A 171 -1.96 -0.61 42.70
C VAL A 171 -3.09 -1.04 43.64
N HIS A 172 -3.41 -2.34 43.73
CA HIS A 172 -4.49 -2.78 44.61
C HIS A 172 -4.18 -2.48 46.07
N LYS A 173 -2.90 -2.64 46.41
CA LYS A 173 -2.45 -2.58 47.75
C LYS A 173 -2.00 -1.15 48.16
N HIS A 174 -2.41 -0.11 47.43
CA HIS A 174 -2.08 1.31 47.74
C HIS A 174 -0.57 1.66 47.71
N LEU A 175 0.26 0.82 47.09
CA LEU A 175 1.68 1.12 46.99
C LEU A 175 2.03 2.02 45.80
N ILE A 176 1.21 2.00 44.75
CA ILE A 176 1.40 2.87 43.58
C ILE A 176 0.00 3.42 43.15
N ASP A 177 -0.05 4.61 42.59
CA ASP A 177 -1.36 5.22 42.31
C ASP A 177 -2.04 4.67 41.06
N VAL A 178 -1.28 4.40 40.00
CA VAL A 178 -1.84 4.05 38.68
C VAL A 178 -1.09 2.88 38.11
N GLY A 179 -1.81 1.99 37.41
CA GLY A 179 -1.20 0.86 36.74
C GLY A 179 -1.47 0.93 35.25
N ALA A 180 -0.55 0.37 34.45
CA ALA A 180 -0.68 0.26 32.98
C ALA A 180 -0.67 -1.20 32.55
N LEU A 181 -1.72 -1.58 31.85
CA LEU A 181 -1.90 -2.91 31.28
C LEU A 181 -2.61 -2.78 29.96
N SER A 182 -2.47 -3.81 29.09
CA SER A 182 -3.24 -3.88 27.83
C SER A 182 -4.67 -4.23 28.16
N ASN A 183 -5.58 -3.84 27.28
CA ASN A 183 -6.99 -4.21 27.42
C ASN A 183 -7.13 -5.70 27.53
N VAL A 184 -6.28 -6.43 26.83
CA VAL A 184 -6.33 -7.87 26.84
C VAL A 184 -5.87 -8.45 28.19
N ASP A 185 -4.82 -7.89 28.77
CA ASP A 185 -4.38 -8.34 30.10
C ASP A 185 -5.42 -8.02 31.16
N TRP A 186 -6.13 -6.92 30.98
CA TRP A 186 -7.20 -6.54 31.86
C TRP A 186 -8.26 -7.67 32.07
N ASP A 187 -8.59 -8.43 31.01
CA ASP A 187 -9.59 -9.52 31.10
C ASP A 187 -8.96 -10.89 31.29
N ASP A 188 -7.67 -10.90 31.60
CA ASP A 188 -6.90 -12.12 31.80
C ASP A 188 -6.68 -12.28 33.30
N GLU A 189 -7.24 -13.35 33.88
CA GLU A 189 -7.26 -13.51 35.33
C GLU A 189 -5.91 -13.86 35.98
N ARG A 190 -4.95 -14.37 35.20
CA ARG A 190 -3.58 -14.57 35.72
C ARG A 190 -2.88 -13.23 36.02
N HIS A 191 -3.18 -12.23 35.19
CA HIS A 191 -2.53 -10.91 35.26
C HIS A 191 -3.36 -9.85 35.98
N MET A 192 -4.68 -9.88 35.87
N MET A 192 -4.67 -9.92 35.82
CA MET A 192 -5.58 -8.94 36.60
CA MET A 192 -5.62 -9.08 36.51
C MET A 192 -6.65 -9.69 37.37
C MET A 192 -6.61 -9.96 37.26
N PRO A 193 -6.29 -10.29 38.53
CA PRO A 193 -7.22 -11.12 39.31
C PRO A 193 -8.49 -10.40 39.67
N PRO A 194 -9.67 -11.09 39.57
CA PRO A 194 -10.90 -10.41 39.89
C PRO A 194 -10.98 -9.85 41.29
N VAL A 195 -10.34 -10.48 42.28
CA VAL A 195 -10.25 -9.86 43.62
C VAL A 195 -9.62 -8.45 43.62
N PHE A 196 -8.72 -8.16 42.67
CA PHE A 196 -8.19 -6.76 42.50
C PHE A 196 -9.06 -5.93 41.58
N LYS A 197 -9.46 -6.53 40.46
CA LYS A 197 -10.17 -5.84 39.38
C LYS A 197 -11.40 -5.07 39.85
N ARG A 198 -12.22 -5.72 40.68
CA ARG A 198 -13.43 -5.08 41.20
C ARG A 198 -13.16 -3.80 41.97
N ASP A 199 -11.93 -3.60 42.48
CA ASP A 199 -11.59 -2.34 43.17
C ASP A 199 -10.97 -1.27 42.27
N PHE A 200 -10.86 -1.59 40.99
CA PHE A 200 -10.24 -0.73 40.01
C PHE A 200 -11.23 -0.02 39.07
N ARG A 201 -10.76 1.07 38.50
CA ARG A 201 -11.50 1.91 37.61
C ARG A 201 -10.52 2.32 36.49
N ILE A 202 -10.96 2.22 35.24
CA ILE A 202 -10.16 2.73 34.10
C ILE A 202 -10.25 4.26 33.96
N VAL A 203 -9.11 4.93 33.84
CA VAL A 203 -9.10 6.40 33.67
C VAL A 203 -8.57 6.92 32.35
N HIS A 204 -7.95 6.05 31.53
CA HIS A 204 -7.47 6.46 30.22
C HIS A 204 -7.16 5.23 29.33
N ARG A 205 -7.40 5.40 28.03
CA ARG A 205 -7.10 4.39 27.02
C ARG A 205 -6.26 5.01 25.97
N THR A 206 -5.17 4.35 25.55
CA THR A 206 -4.38 4.75 24.38
C THR A 206 -5.08 4.30 23.09
N ALA A 207 -4.66 4.92 21.99
CA ALA A 207 -5.07 4.47 20.65
C ALA A 207 -4.51 3.05 20.44
N PRO A 208 -5.18 2.23 19.61
CA PRO A 208 -4.69 0.85 19.42
C PRO A 208 -3.55 0.73 18.46
N VAL A 209 -2.78 -0.35 18.64
CA VAL A 209 -1.73 -0.70 17.71
C VAL A 209 -1.91 -2.16 17.33
N PRO A 210 -1.26 -2.59 16.24
CA PRO A 210 -1.32 -4.02 15.94
C PRO A 210 -0.68 -4.80 17.08
N ARG A 211 -1.30 -5.93 17.37
CA ARG A 211 -1.01 -6.75 18.53
CA ARG A 211 -1.02 -6.77 18.52
C ARG A 211 0.42 -7.34 18.51
N ALA A 212 0.82 -7.91 17.39
CA ALA A 212 2.12 -8.62 17.29
C ALA A 212 2.61 -8.79 15.86
N VAL A 213 3.89 -9.09 15.75
CA VAL A 213 4.52 -9.20 14.43
C VAL A 213 5.56 -10.27 14.51
N GLU A 214 5.67 -11.07 13.46
CA GLU A 214 6.81 -11.94 13.27
C GLU A 214 7.96 -11.17 12.66
N MET A 215 9.14 -11.25 13.30
CA MET A 215 10.34 -10.55 12.84
C MET A 215 11.41 -11.56 12.53
N VAL A 216 12.20 -11.28 11.51
CA VAL A 216 13.30 -12.14 11.13
C VAL A 216 14.57 -11.31 11.10
N ARG A 217 15.67 -11.97 11.31
CA ARG A 217 16.90 -11.21 11.49
C ARG A 217 17.40 -10.52 10.23
N THR A 218 18.09 -9.41 10.47
CA THR A 218 18.93 -8.79 9.47
C THR A 218 19.86 -9.85 8.82
N GLY A 219 19.93 -9.83 7.50
CA GLY A 219 20.77 -10.76 6.74
C GLY A 219 20.23 -12.17 6.53
N MET A 220 19.04 -12.50 7.03
CA MET A 220 18.50 -13.84 6.72
C MET A 220 18.52 -14.05 5.19
N ASP A 221 18.91 -15.26 4.77
CA ASP A 221 18.92 -15.60 3.37
C ASP A 221 17.51 -15.40 2.79
N PRO A 222 17.38 -14.64 1.67
CA PRO A 222 16.04 -14.34 1.12
C PRO A 222 15.11 -15.54 0.92
N ALA A 223 15.65 -16.68 0.48
CA ALA A 223 14.83 -17.88 0.25
C ALA A 223 14.24 -18.48 1.53
N VAL A 224 15.03 -18.49 2.61
CA VAL A 224 14.59 -18.98 3.92
C VAL A 224 13.49 -18.06 4.39
N GLU A 225 13.73 -16.76 4.31
CA GLU A 225 12.70 -15.80 4.66
C GLU A 225 11.37 -16.07 3.91
N GLN A 226 11.42 -16.22 2.57
CA GLN A 226 10.18 -16.41 1.76
C GLN A 226 9.41 -17.66 2.12
N ARG A 227 10.15 -18.74 2.36
CA ARG A 227 9.56 -20.01 2.72
C ARG A 227 8.97 -19.98 4.14
N LEU A 228 9.67 -19.39 5.09
CA LEU A 228 9.11 -19.28 6.45
C LEU A 228 7.81 -18.49 6.39
N ARG A 229 7.81 -17.43 5.59
CA ARG A 229 6.61 -16.61 5.41
C ARG A 229 5.46 -17.51 4.93
N VAL A 230 5.69 -18.26 3.86
CA VAL A 230 4.66 -19.14 3.28
C VAL A 230 4.16 -20.16 4.29
N VAL A 231 5.09 -20.76 5.03
CA VAL A 231 4.76 -21.83 5.98
C VAL A 231 3.85 -21.26 7.04
N LEU A 232 4.21 -20.08 7.53
CA LEU A 232 3.45 -19.52 8.65
C LEU A 232 2.07 -19.11 8.15
N LEU A 233 2.02 -18.57 6.94
CA LEU A 233 0.76 -18.19 6.32
C LEU A 233 -0.20 -19.39 6.21
N GLN A 234 0.34 -20.54 5.90
CA GLN A 234 -0.47 -21.74 5.75
C GLN A 234 -0.76 -22.46 7.04
N ALA A 235 0.00 -22.19 8.09
CA ALA A 235 -0.20 -22.88 9.35
C ALA A 235 -1.57 -22.64 9.97
N ALA A 236 -2.05 -21.41 9.87
CA ALA A 236 -3.34 -21.03 10.44
C ALA A 236 -4.48 -21.95 10.03
N SER A 237 -4.49 -22.32 8.75
CA SER A 237 -5.55 -23.14 8.17
C SER A 237 -5.20 -24.61 8.11
N ASP A 238 -4.27 -25.06 8.95
CA ASP A 238 -3.81 -26.44 8.95
C ASP A 238 -4.08 -27.02 10.32
N PRO A 239 -4.99 -28.02 10.43
CA PRO A 239 -5.33 -28.62 11.73
C PRO A 239 -4.11 -29.25 12.41
N LYS A 240 -3.19 -29.76 11.61
CA LYS A 240 -1.88 -30.24 12.10
C LYS A 240 -1.09 -29.14 12.85
N ALA A 241 -1.47 -27.86 12.75
CA ALA A 241 -0.76 -26.78 13.47
C ALA A 241 -1.54 -26.10 14.58
N GLY A 242 -2.86 -26.32 14.65
CA GLY A 242 -3.71 -25.61 15.63
C GLY A 242 -3.29 -25.74 17.09
N PRO A 243 -2.90 -26.96 17.51
CA PRO A 243 -2.37 -27.11 18.86
C PRO A 243 -1.08 -26.28 19.10
N ALA A 244 -0.17 -26.31 18.14
CA ALA A 244 1.06 -25.56 18.26
C ALA A 244 0.78 -24.07 18.24
N LEU A 245 -0.14 -23.64 17.37
CA LEU A 245 -0.54 -22.24 17.33
C LEU A 245 -1.17 -21.81 18.65
N LYS A 246 -1.98 -22.70 19.22
CA LYS A 246 -2.55 -22.50 20.56
C LYS A 246 -1.49 -22.13 21.57
N ARG A 247 -0.42 -22.91 21.54
CA ARG A 247 0.71 -22.79 22.46
C ARG A 247 1.56 -21.53 22.17
N PHE A 248 1.64 -21.18 20.90
CA PHE A 248 2.38 -20.02 20.40
C PHE A 248 1.58 -18.73 20.68
N PHE A 249 1.42 -18.45 21.97
CA PHE A 249 0.71 -17.28 22.50
C PHE A 249 -0.68 -17.15 21.91
N ASP A 250 -1.34 -18.31 21.73
CA ASP A 250 -2.68 -18.38 21.16
C ASP A 250 -2.77 -17.61 19.86
N THR A 251 -1.92 -17.98 18.91
CA THR A 251 -1.87 -17.31 17.62
C THR A 251 -3.02 -17.86 16.80
N THR A 252 -3.90 -16.98 16.36
CA THR A 252 -5.13 -17.33 15.64
C THR A 252 -5.06 -16.85 14.21
N GLY A 253 -3.94 -16.24 13.83
CA GLY A 253 -3.81 -15.64 12.51
C GLY A 253 -2.41 -15.08 12.20
N PHE A 254 -1.96 -15.29 10.97
CA PHE A 254 -0.84 -14.53 10.39
C PHE A 254 -1.34 -13.84 9.13
N ARG A 255 -0.79 -12.70 8.79
CA ARG A 255 -1.15 -12.13 7.52
C ARG A 255 -0.02 -11.24 6.99
N PRO A 256 -0.04 -11.00 5.69
CA PRO A 256 1.03 -10.22 5.08
C PRO A 256 1.09 -8.79 5.60
N LEU A 257 2.26 -8.21 5.44
CA LEU A 257 2.47 -6.83 5.75
C LEU A 257 1.78 -6.06 4.65
N ASP A 258 0.66 -5.43 4.98
CA ASP A 258 -0.04 -4.57 4.02
C ASP A 258 0.38 -3.11 4.24
N PRO A 259 0.10 -2.22 3.27
CA PRO A 259 0.59 -0.85 3.41
C PRO A 259 0.09 -0.18 4.71
N THR A 260 -1.14 -0.46 5.11
CA THR A 260 -1.69 0.06 6.35
C THR A 260 -0.85 -0.40 7.57
N SER A 261 -0.66 -1.70 7.68
CA SER A 261 0.05 -2.24 8.84
C SER A 261 1.49 -1.68 8.85
N ARG A 262 2.09 -1.56 7.67
CA ARG A 262 3.41 -0.94 7.56
C ARG A 262 3.49 0.49 8.07
N ARG A 263 2.50 1.31 7.78
CA ARG A 263 2.55 2.71 8.18
C ARG A 263 2.23 2.81 9.68
N ARG A 264 1.37 1.94 10.15
CA ARG A 264 1.13 1.83 11.58
C ARG A 264 2.38 1.40 12.34
N LEU A 265 3.18 0.50 11.75
CA LEU A 265 4.45 0.15 12.40
C LEU A 265 5.43 1.31 12.37
N GLN A 266 5.47 2.05 11.26
CA GLN A 266 6.31 3.26 11.18
C GLN A 266 5.93 4.27 12.27
N GLU A 267 4.63 4.49 12.43
CA GLU A 267 4.10 5.44 13.42
C GLU A 267 4.57 5.01 14.76
N LEU A 268 4.34 3.73 15.08
CA LEU A 268 4.74 3.15 16.35
C LEU A 268 6.24 3.27 16.58
N SER A 269 7.02 2.93 15.56
CA SER A 269 8.45 3.05 15.66
C SER A 269 8.88 4.49 16.02
N ALA A 270 8.35 5.52 15.33
CA ALA A 270 8.66 6.91 15.70
C ALA A 270 8.37 7.17 17.19
N GLY A 271 7.19 6.75 17.64
CA GLY A 271 6.78 6.91 19.02
C GLY A 271 7.72 6.23 19.99
N VAL A 272 8.14 5.01 19.65
CA VAL A 272 9.09 4.25 20.46
C VAL A 272 10.47 4.94 20.47
N GLN A 273 10.93 5.40 19.28
CA GLN A 273 12.14 6.19 19.21
C GLN A 273 12.06 7.44 20.09
N ARG A 274 10.90 8.10 20.11
CA ARG A 274 10.65 9.23 21.01
C ARG A 274 10.71 8.85 22.52
N VAL A 275 10.05 7.77 22.93
CA VAL A 275 10.25 7.23 24.29
C VAL A 275 11.72 6.97 24.60
N ARG A 276 12.41 6.34 23.67
CA ARG A 276 13.80 6.02 23.89
C ARG A 276 14.65 7.26 23.99
N ASP A 277 14.40 8.22 23.09
CA ASP A 277 15.15 9.47 23.09
C ASP A 277 14.95 10.23 24.40
N HIS A 278 13.73 10.24 24.93
CA HIS A 278 13.39 11.09 26.08
C HIS A 278 13.19 10.37 27.40
N VAL A 279 13.54 9.08 27.47
CA VAL A 279 13.63 8.27 28.71
C VAL A 279 14.91 7.42 28.73
N GLU A 280 15.83 7.74 27.84
CA GLU A 280 17.19 7.24 27.89
C GLU A 280 17.49 6.34 29.10
N SER B 2 3.52 17.28 -48.97
CA SER B 2 4.35 16.07 -48.77
C SER B 2 3.64 14.88 -49.37
N SER B 3 4.40 14.07 -50.05
CA SER B 3 3.89 12.88 -50.66
C SER B 3 3.85 11.69 -49.69
N VAL B 4 4.29 11.90 -48.44
CA VAL B 4 4.23 10.87 -47.42
C VAL B 4 3.23 11.16 -46.30
N LEU B 5 2.42 10.15 -45.95
CA LEU B 5 1.50 10.28 -44.82
C LEU B 5 2.12 9.42 -43.75
N VAL B 6 2.36 10.02 -42.59
CA VAL B 6 3.03 9.34 -41.52
C VAL B 6 2.03 9.17 -40.39
N LEU B 7 1.76 7.91 -40.03
CA LEU B 7 0.85 7.53 -38.98
C LEU B 7 1.71 7.17 -37.77
N GLY B 8 1.37 7.71 -36.61
CA GLY B 8 2.05 7.36 -35.35
C GLY B 8 1.17 6.87 -34.23
N ARG B 9 1.86 6.42 -33.19
CA ARG B 9 1.26 6.04 -31.90
C ARG B 9 2.29 6.32 -30.81
N ILE B 10 1.82 6.74 -29.63
CA ILE B 10 2.64 6.78 -28.41
C ILE B 10 2.77 5.35 -27.93
N SER B 11 3.98 4.87 -27.82
CA SER B 11 4.19 3.45 -27.68
C SER B 11 5.56 3.11 -27.07
N ASP B 12 5.50 2.41 -25.93
CA ASP B 12 6.70 1.79 -25.31
C ASP B 12 7.32 0.67 -26.13
N ASP B 13 6.51 -0.01 -26.93
CA ASP B 13 6.90 -1.22 -27.65
C ASP B 13 6.59 -1.08 -29.15
N PRO B 14 7.46 -0.37 -29.90
CA PRO B 14 7.34 -0.32 -31.35
C PRO B 14 7.10 -1.64 -32.06
N ALA B 15 7.80 -2.71 -31.64
CA ALA B 15 7.74 -3.98 -32.36
C ALA B 15 6.29 -4.45 -32.47
N SER B 16 5.61 -4.43 -31.34
CA SER B 16 4.22 -4.87 -31.22
C SER B 16 3.31 -3.94 -32.01
N HIS B 17 3.34 -2.65 -31.69
CA HIS B 17 2.37 -1.70 -32.26
C HIS B 17 2.53 -1.48 -33.78
N TYR B 18 3.72 -1.72 -34.33
CA TYR B 18 3.92 -1.53 -35.75
C TYR B 18 2.84 -2.28 -36.56
N GLU B 19 2.67 -3.56 -36.21
CA GLU B 19 1.73 -4.47 -36.86
C GLU B 19 0.28 -3.99 -36.72
N GLN B 20 -0.04 -3.24 -35.68
CA GLN B 20 -1.38 -2.68 -35.53
C GLN B 20 -1.74 -1.46 -36.40
N LEU B 21 -0.71 -0.70 -36.79
CA LEU B 21 -0.87 0.51 -37.61
C LEU B 21 -0.83 0.22 -39.10
N LYS B 22 -0.04 -0.76 -39.51
CA LYS B 22 0.30 -0.95 -40.91
C LYS B 22 -0.90 -1.27 -41.78
N PRO B 23 -1.75 -2.27 -41.39
CA PRO B 23 -2.89 -2.62 -42.29
C PRO B 23 -3.78 -1.41 -42.61
N LEU B 24 -4.08 -0.59 -41.60
CA LEU B 24 -4.88 0.58 -41.87
C LEU B 24 -4.13 1.60 -42.71
N LEU B 25 -2.86 1.82 -42.44
CA LEU B 25 -2.10 2.73 -43.25
C LEU B 25 -2.06 2.27 -44.70
N ASP B 26 -1.92 0.97 -44.92
CA ASP B 26 -1.99 0.46 -46.30
C ASP B 26 -3.33 0.61 -47.00
N TYR B 27 -4.42 0.63 -46.24
CA TYR B 27 -5.75 0.88 -46.79
C TYR B 27 -5.90 2.38 -47.10
N VAL B 28 -5.54 3.18 -46.10
CA VAL B 28 -5.60 4.63 -46.19
C VAL B 28 -4.75 5.23 -47.31
N VAL B 29 -3.48 4.85 -47.44
CA VAL B 29 -2.56 5.53 -48.38
C VAL B 29 -3.05 5.61 -49.82
N PRO B 30 -3.52 4.49 -50.41
CA PRO B 30 -3.95 4.60 -51.83
C PRO B 30 -5.19 5.45 -52.01
N ARG B 31 -6.05 5.49 -51.00
CA ARG B 31 -7.23 6.40 -51.00
C ARG B 31 -6.93 7.89 -50.74
N MET B 32 -5.65 8.24 -50.57
CA MET B 32 -5.22 9.63 -50.44
C MET B 32 -4.41 10.12 -51.65
N ARG B 33 -4.31 9.31 -52.68
CA ARG B 33 -3.57 9.67 -53.86
C ARG B 33 -4.11 10.94 -54.46
N GLU B 34 -5.44 11.09 -54.43
CA GLU B 34 -6.11 12.28 -54.90
C GLU B 34 -5.50 13.58 -54.32
N VAL B 35 -5.05 13.55 -53.07
CA VAL B 35 -4.46 14.76 -52.43
C VAL B 35 -2.92 14.71 -52.33
N GLY B 36 -2.26 14.04 -53.28
CA GLY B 36 -0.79 14.04 -53.39
C GLY B 36 0.00 13.02 -52.55
N ILE B 37 -0.67 12.23 -51.72
CA ILE B 37 0.02 11.22 -50.92
C ILE B 37 0.37 10.07 -51.84
N ARG B 38 1.68 9.75 -51.93
CA ARG B 38 2.22 8.64 -52.71
C ARG B 38 2.49 7.44 -51.85
N ARG B 39 2.91 7.62 -50.60
CA ARG B 39 3.19 6.50 -49.72
C ARG B 39 3.01 6.80 -48.24
N GLY B 40 3.05 5.74 -47.45
CA GLY B 40 2.91 5.78 -46.00
C GLY B 40 4.19 5.40 -45.28
N GLU B 41 4.35 6.00 -44.08
CA GLU B 41 5.31 5.58 -43.08
C GLU B 41 4.70 5.60 -41.68
N ILE B 42 5.36 4.86 -40.80
CA ILE B 42 4.90 4.66 -39.45
C ILE B 42 5.99 5.14 -38.54
N LEU B 43 5.62 5.93 -37.56
CA LEU B 43 6.64 6.47 -36.68
C LEU B 43 6.04 6.63 -35.28
N MET B 44 6.66 5.96 -34.32
CA MET B 44 6.16 5.96 -32.96
C MET B 44 7.10 6.71 -32.03
N ALA B 45 6.55 7.15 -30.89
CA ALA B 45 7.32 7.84 -29.87
C ALA B 45 7.02 7.21 -28.51
N PRO B 46 7.96 7.27 -27.56
CA PRO B 46 7.77 6.70 -26.23
C PRO B 46 6.74 7.39 -25.32
N ASP B 47 6.40 8.66 -25.55
CA ASP B 47 5.45 9.36 -24.69
C ASP B 47 4.84 10.55 -25.44
N ALA B 48 3.96 11.29 -24.77
CA ALA B 48 3.23 12.40 -25.41
C ALA B 48 4.13 13.57 -25.72
N ARG B 49 5.03 13.85 -24.82
CA ARG B 49 5.98 14.93 -24.96
C ARG B 49 6.80 14.75 -26.25
N GLN B 50 7.30 13.54 -26.44
CA GLN B 50 8.16 13.27 -27.61
C GLN B 50 7.34 13.22 -28.90
N MET B 51 6.12 12.64 -28.84
CA MET B 51 5.20 12.67 -29.96
C MET B 51 4.85 14.08 -30.41
N SER B 52 4.61 14.97 -29.44
CA SER B 52 4.30 16.38 -29.72
C SER B 52 5.39 17.02 -30.55
N SER B 53 6.63 16.74 -30.16
CA SER B 53 7.78 17.19 -30.90
C SER B 53 7.75 16.74 -32.37
N TYR B 54 7.58 15.44 -32.61
CA TYR B 54 7.37 14.94 -33.98
C TYR B 54 6.25 15.65 -34.73
N LEU B 55 5.09 15.76 -34.07
CA LEU B 55 3.91 16.41 -34.66
C LEU B 55 4.19 17.86 -35.04
N ARG B 56 4.77 18.62 -34.11
CA ARG B 56 5.17 20.00 -34.35
C ARG B 56 6.17 20.15 -35.50
N ARG B 57 7.05 19.18 -35.69
CA ARG B 57 8.10 19.29 -36.70
C ARG B 57 7.66 18.64 -38.02
N GLY B 58 6.45 18.13 -38.06
CA GLY B 58 5.88 17.63 -39.28
C GLY B 58 6.41 16.27 -39.61
N ARG B 59 6.88 15.52 -38.61
CA ARG B 59 7.35 14.14 -38.82
C ARG B 59 6.28 13.10 -38.65
N VAL B 60 5.21 13.44 -37.94
CA VAL B 60 4.04 12.60 -37.84
C VAL B 60 2.85 13.47 -38.15
N ASP B 61 1.90 12.92 -38.91
CA ASP B 61 0.77 13.62 -39.42
C ASP B 61 -0.51 13.29 -38.64
N TRP B 62 -0.60 12.06 -38.15
CA TRP B 62 -1.86 11.53 -37.68
C TRP B 62 -1.60 10.50 -36.61
N VAL B 63 -2.29 10.59 -35.48
CA VAL B 63 -2.26 9.55 -34.47
C VAL B 63 -3.67 9.22 -34.08
N SER B 64 -3.87 8.00 -33.56
CA SER B 64 -5.13 7.57 -32.94
C SER B 64 -4.74 7.31 -31.49
N GLU B 65 -5.30 8.08 -30.57
CA GLU B 65 -4.93 8.04 -29.18
C GLU B 65 -6.18 8.11 -28.31
N THR B 66 -6.05 7.65 -27.06
CA THR B 66 -7.11 7.87 -26.08
C THR B 66 -7.13 9.34 -25.78
N THR B 67 -8.26 9.80 -25.29
CA THR B 67 -8.53 11.24 -25.30
C THR B 67 -7.69 12.06 -24.34
N GLY B 68 -7.19 11.45 -23.28
CA GLY B 68 -6.33 12.17 -22.33
C GLY B 68 -4.97 12.51 -22.94
N ALA B 69 -4.37 11.49 -23.51
CA ALA B 69 -3.13 11.59 -24.27
C ALA B 69 -3.28 12.56 -25.44
N ALA B 70 -4.43 12.52 -26.12
CA ALA B 70 -4.73 13.49 -27.19
C ALA B 70 -4.72 14.95 -26.72
N MET B 71 -5.27 15.15 -25.52
CA MET B 71 -5.28 16.47 -24.94
C MET B 71 -3.87 16.89 -24.53
N LEU B 72 -3.00 15.97 -24.13
CA LEU B 72 -1.59 16.31 -23.94
C LEU B 72 -0.92 16.77 -25.24
N LEU B 73 -1.28 16.12 -26.35
CA LEU B 73 -0.79 16.51 -27.68
C LEU B 73 -1.33 17.90 -28.04
N GLU B 74 -2.65 18.12 -27.86
CA GLU B 74 -3.27 19.44 -28.12
C GLU B 74 -2.70 20.58 -27.30
N GLN B 75 -2.57 20.38 -26.00
CA GLN B 75 -2.00 21.41 -25.12
C GLN B 75 -0.57 21.85 -25.52
N ARG B 76 0.20 20.93 -26.08
CA ARG B 76 1.54 21.28 -26.53
C ARG B 76 1.60 21.89 -27.92
N GLY B 77 0.46 22.32 -28.47
CA GLY B 77 0.40 23.00 -29.76
C GLY B 77 0.63 22.10 -30.97
N SER B 78 0.60 20.78 -30.77
CA SER B 78 1.11 19.88 -31.78
C SER B 78 0.03 19.29 -32.69
N ALA B 79 -1.24 19.35 -32.26
CA ALA B 79 -2.32 18.65 -32.95
C ALA B 79 -3.74 19.03 -32.55
N HIS B 80 -4.67 18.64 -33.42
CA HIS B 80 -6.08 18.88 -33.19
C HIS B 80 -6.93 17.68 -33.58
N PRO B 81 -8.15 17.58 -33.04
CA PRO B 81 -8.99 16.44 -33.36
C PRO B 81 -9.50 16.44 -34.82
N LEU B 82 -9.59 15.26 -35.38
CA LEU B 82 -10.14 15.00 -36.69
C LEU B 82 -11.53 14.30 -36.58
N LEU B 83 -11.56 13.17 -35.87
CA LEU B 83 -12.74 12.34 -35.67
C LEU B 83 -12.78 11.71 -34.26
N MET B 84 -13.98 11.44 -33.75
CA MET B 84 -14.14 10.65 -32.54
C MET B 84 -14.08 9.19 -32.94
N THR B 85 -13.48 8.38 -32.09
CA THR B 85 -13.17 7.03 -32.42
C THR B 85 -13.81 6.12 -31.38
N GLU B 86 -14.37 5.03 -31.88
CA GLU B 86 -15.01 3.99 -31.12
C GLU B 86 -14.10 2.74 -31.22
N ARG B 87 -13.83 2.08 -30.09
CA ARG B 87 -13.04 0.85 -30.07
C ARG B 87 -13.74 -0.25 -29.27
N GLY B 88 -13.68 -1.46 -29.77
CA GLY B 88 -14.45 -2.57 -29.20
C GLY B 88 -15.90 -2.28 -28.91
N GLY B 89 -16.56 -1.54 -29.78
CA GLY B 89 -17.96 -1.21 -29.59
C GLY B 89 -18.24 -0.08 -28.64
N LEU B 90 -17.23 0.57 -28.07
CA LEU B 90 -17.49 1.52 -27.01
C LEU B 90 -17.03 2.88 -27.45
N ARG B 91 -17.93 3.86 -27.28
CA ARG B 91 -17.60 5.24 -27.55
C ARG B 91 -16.91 5.87 -26.35
N ASP B 92 -17.18 5.34 -25.16
CA ASP B 92 -16.72 5.93 -23.88
C ASP B 92 -15.92 4.94 -23.06
N PHE B 93 -15.15 5.46 -22.13
CA PHE B 93 -14.70 4.61 -21.05
C PHE B 93 -14.49 5.44 -19.80
N HIS B 94 -14.15 4.78 -18.70
CA HIS B 94 -13.83 5.51 -17.49
C HIS B 94 -12.77 4.79 -16.70
N THR B 95 -12.28 5.45 -15.66
CA THR B 95 -11.27 4.83 -14.83
C THR B 95 -11.96 4.23 -13.64
N LEU B 96 -11.54 3.05 -13.23
CA LEU B 96 -11.94 2.51 -11.95
C LEU B 96 -10.75 2.37 -11.01
N PHE B 97 -11.03 2.55 -9.73
CA PHE B 97 -10.05 2.32 -8.66
C PHE B 97 -10.43 1.06 -7.94
N PHE B 98 -9.47 0.17 -7.76
CA PHE B 98 -9.72 -1.11 -7.21
C PHE B 98 -8.74 -1.39 -6.08
N VAL B 99 -9.15 -2.28 -5.18
CA VAL B 99 -8.34 -2.69 -4.06
C VAL B 99 -8.48 -4.16 -3.86
N ARG B 100 -7.62 -4.77 -3.05
CA ARG B 100 -7.92 -6.11 -2.54
C ARG B 100 -9.22 -6.11 -1.76
N ARG B 101 -10.01 -7.18 -1.88
CA ARG B 101 -11.31 -7.26 -1.21
C ARG B 101 -11.22 -6.99 0.30
N ASP B 102 -10.10 -7.41 0.88
CA ASP B 102 -9.82 -7.26 2.29
C ASP B 102 -9.11 -5.95 2.69
N SER B 103 -8.97 -4.99 1.76
CA SER B 103 -8.56 -3.63 2.08
C SER B 103 -9.58 -2.94 2.99
N PRO B 104 -9.12 -2.08 3.92
CA PRO B 104 -10.06 -1.23 4.63
C PRO B 104 -10.66 -0.13 3.74
N ILE B 105 -10.09 0.13 2.54
CA ILE B 105 -10.59 1.17 1.64
C ILE B 105 -11.94 0.76 0.96
N HIS B 106 -12.95 1.60 1.13
CA HIS B 106 -14.24 1.50 0.42
C HIS B 106 -14.62 2.72 -0.40
N SER B 107 -13.80 3.78 -0.44
CA SER B 107 -14.13 4.94 -1.26
C SER B 107 -12.93 5.83 -1.48
N LEU B 108 -13.09 6.76 -2.42
CA LEU B 108 -12.01 7.61 -2.81
C LEU B 108 -11.54 8.48 -1.66
N SER B 109 -12.43 8.92 -0.79
CA SER B 109 -12.02 9.82 0.33
C SER B 109 -10.98 9.16 1.28
N GLN B 110 -10.93 7.83 1.30
CA GLN B 110 -9.92 7.14 2.10
C GLN B 110 -8.53 7.02 1.48
N LEU B 111 -8.29 7.60 0.31
CA LEU B 111 -6.98 7.46 -0.31
C LEU B 111 -5.92 8.38 0.24
N ARG B 112 -6.31 9.29 1.12
CA ARG B 112 -5.30 10.13 1.80
C ARG B 112 -4.46 9.21 2.69
N GLY B 113 -3.14 9.41 2.65
CA GLY B 113 -2.20 8.54 3.32
C GLY B 113 -2.05 7.15 2.76
N HIS B 114 -2.60 6.88 1.58
CA HIS B 114 -2.55 5.54 0.99
C HIS B 114 -1.89 5.68 -0.40
N THR B 115 -1.66 4.55 -1.03
CA THR B 115 -0.89 4.51 -2.25
C THR B 115 -1.68 3.97 -3.43
N LEU B 116 -1.26 4.42 -4.61
CA LEU B 116 -1.99 4.23 -5.84
C LEU B 116 -1.01 3.80 -6.94
N ALA B 117 -1.29 2.68 -7.58
CA ALA B 117 -0.44 2.22 -8.67
C ALA B 117 -1.01 2.71 -10.01
N LEU B 118 -0.19 3.43 -10.76
CA LEU B 118 -0.55 3.98 -12.06
C LEU B 118 0.41 3.47 -13.13
N GLN B 119 0.04 3.66 -14.36
CA GLN B 119 0.68 2.97 -15.47
C GLN B 119 1.83 3.80 -16.05
N ASN B 120 1.51 4.78 -16.87
CA ASN B 120 2.49 5.72 -17.43
C ASN B 120 1.86 7.10 -17.60
N ALA B 121 2.73 8.10 -17.66
CA ALA B 121 2.33 9.50 -17.71
C ALA B 121 1.62 9.94 -19.01
N SER B 122 1.49 9.07 -20.03
CA SER B 122 0.72 9.38 -21.22
C SER B 122 -0.62 8.62 -21.24
N SER B 123 -0.95 7.89 -20.15
CA SER B 123 -2.14 7.06 -20.09
C SER B 123 -3.35 7.87 -19.65
N THR B 124 -4.41 7.79 -20.46
CA THR B 124 -5.69 8.36 -20.04
C THR B 124 -6.28 7.69 -18.79
N SER B 125 -6.55 6.41 -18.91
CA SER B 125 -7.31 5.68 -17.88
C SER B 125 -6.39 5.22 -16.74
N GLY B 126 -5.07 5.23 -16.97
CA GLY B 126 -4.10 4.74 -16.01
C GLY B 126 -3.25 5.81 -15.35
N TYR B 127 -3.52 7.09 -15.60
CA TYR B 127 -2.76 8.17 -14.98
C TYR B 127 -3.59 9.43 -14.90
N LEU B 128 -3.99 9.94 -16.06
CA LEU B 128 -4.62 11.24 -16.14
C LEU B 128 -5.95 11.29 -15.41
N LEU B 129 -6.88 10.42 -15.82
CA LEU B 129 -8.20 10.39 -15.16
C LEU B 129 -8.11 10.12 -13.65
N PRO B 130 -7.30 9.11 -13.22
CA PRO B 130 -7.32 8.88 -11.78
C PRO B 130 -6.69 9.99 -10.99
N MET B 131 -5.62 10.59 -11.52
CA MET B 131 -5.01 11.72 -10.85
C MET B 131 -6.03 12.87 -10.79
N LEU B 132 -6.64 13.19 -11.93
CA LEU B 132 -7.68 14.22 -11.96
C LEU B 132 -8.79 13.99 -10.95
N GLU B 133 -9.28 12.75 -10.83
CA GLU B 133 -10.34 12.41 -9.85
C GLU B 133 -9.86 12.75 -8.45
N LEU B 134 -8.60 12.42 -8.15
CA LEU B 134 -8.05 12.76 -6.85
C LEU B 134 -7.98 14.28 -6.60
N LEU B 135 -7.45 15.02 -7.57
CA LEU B 135 -7.31 16.46 -7.44
C LEU B 135 -8.68 17.12 -7.33
N ARG B 136 -9.67 16.60 -8.02
CA ARG B 136 -11.04 17.10 -7.89
C ARG B 136 -11.64 16.89 -6.49
N ASN B 137 -11.30 15.79 -5.83
CA ASN B 137 -11.82 15.55 -4.48
C ASN B 137 -10.91 16.10 -3.35
N GLY B 138 -10.10 17.11 -3.68
CA GLY B 138 -9.24 17.77 -2.71
C GLY B 138 -7.98 17.03 -2.30
N ILE B 139 -7.63 15.94 -2.98
CA ILE B 139 -6.59 15.06 -2.49
C ILE B 139 -5.35 15.26 -3.34
N ALA B 140 -4.34 15.87 -2.74
CA ALA B 140 -3.06 16.01 -3.38
C ALA B 140 -2.39 14.66 -3.63
N CYS B 141 -1.53 14.63 -4.64
CA CYS B 141 -0.81 13.43 -5.09
C CYS B 141 0.66 13.69 -5.22
N ASP B 142 1.48 12.92 -4.52
CA ASP B 142 2.93 13.00 -4.58
C ASP B 142 3.48 11.74 -5.25
N VAL B 143 4.46 11.91 -6.13
CA VAL B 143 5.13 10.76 -6.71
C VAL B 143 5.95 9.99 -5.63
N LEU B 144 5.89 8.65 -5.71
CA LEU B 144 6.68 7.78 -4.84
C LEU B 144 7.80 7.10 -5.63
N LEU B 145 8.98 6.95 -5.01
CA LEU B 145 10.07 6.26 -5.72
C LEU B 145 9.86 4.76 -5.79
N SER B 146 9.28 4.16 -4.76
CA SER B 146 9.06 2.74 -4.78
C SER B 146 7.96 2.43 -3.84
N ALA B 147 7.61 1.15 -3.76
CA ALA B 147 6.57 0.70 -2.83
C ALA B 147 6.99 0.86 -1.35
N ASP B 148 8.29 1.05 -1.09
CA ASP B 148 8.81 1.37 0.26
C ASP B 148 8.73 2.85 0.64
N ASP B 149 8.39 3.70 -0.30
CA ASP B 149 8.28 5.12 -0.09
C ASP B 149 6.84 5.36 0.40
N THR B 150 6.73 6.20 1.40
CA THR B 150 5.54 6.34 2.18
C THR B 150 4.88 7.66 1.82
N PRO B 151 3.54 7.66 1.61
CA PRO B 151 2.90 8.95 1.32
C PRO B 151 2.84 9.82 2.58
N ALA B 152 2.66 11.12 2.43
CA ALA B 152 2.23 11.92 3.55
C ALA B 152 0.83 11.50 4.04
N ARG B 153 0.57 11.74 5.33
CA ARG B 153 -0.73 11.48 5.94
C ARG B 153 -1.89 12.07 5.19
N GLY B 154 -1.79 13.34 4.80
CA GLY B 154 -2.94 14.01 4.18
C GLY B 154 -3.12 13.80 2.68
N SER B 155 -2.17 13.12 2.03
CA SER B 155 -2.10 13.10 0.58
C SER B 155 -2.03 11.67 0.04
N ALA B 156 -2.39 11.49 -1.23
CA ALA B 156 -2.15 10.21 -1.91
C ALA B 156 -0.68 10.16 -2.32
N GLY B 157 -0.10 8.96 -2.37
CA GLY B 157 1.16 8.72 -3.06
C GLY B 157 0.93 7.79 -4.26
N TYR B 158 1.47 8.13 -5.42
CA TYR B 158 1.37 7.28 -6.59
C TYR B 158 2.74 6.69 -6.93
N LEU B 159 2.75 5.43 -7.34
CA LEU B 159 3.92 4.80 -7.89
C LEU B 159 3.66 4.51 -9.37
N MET B 160 4.55 4.97 -10.26
CA MET B 160 4.47 4.61 -11.71
C MET B 160 5.01 3.19 -11.90
N VAL B 161 4.16 2.23 -12.26
CA VAL B 161 4.54 0.84 -12.32
C VAL B 161 4.61 0.26 -13.75
N GLY B 162 4.06 0.97 -14.73
CA GLY B 162 4.13 0.54 -16.13
C GLY B 162 2.93 -0.25 -16.58
N SER B 163 3.05 -1.56 -16.59
CA SER B 163 2.03 -2.38 -17.22
C SER B 163 0.78 -2.49 -16.37
N LYS B 164 -0.31 -2.77 -17.08
CA LYS B 164 -1.58 -3.04 -16.45
C LYS B 164 -1.51 -4.22 -15.48
N LEU B 165 -0.74 -5.22 -15.89
CA LEU B 165 -0.49 -6.36 -15.07
C LEU B 165 0.24 -5.95 -13.78
N ASN B 166 1.25 -5.09 -13.90
CA ASN B 166 1.93 -4.56 -12.68
C ASN B 166 1.02 -3.81 -11.71
N VAL B 167 0.07 -3.03 -12.24
CA VAL B 167 -0.95 -2.35 -11.42
C VAL B 167 -1.70 -3.38 -10.56
N ALA B 168 -2.12 -4.47 -11.17
CA ALA B 168 -2.81 -5.51 -10.43
C ALA B 168 -1.86 -6.22 -9.44
N ALA B 169 -0.67 -6.55 -9.92
CA ALA B 169 0.31 -7.23 -9.13
C ALA B 169 0.74 -6.46 -7.90
N PHE B 170 1.04 -5.17 -8.02
CA PHE B 170 1.44 -4.37 -6.87
C PHE B 170 0.36 -4.29 -5.80
N VAL B 171 -0.91 -4.25 -6.24
CA VAL B 171 -2.10 -4.28 -5.37
C VAL B 171 -2.32 -5.66 -4.77
N HIS B 172 -2.23 -6.68 -5.59
CA HIS B 172 -2.44 -8.03 -5.10
C HIS B 172 -1.37 -8.50 -4.04
N LYS B 173 -0.10 -8.16 -4.28
CA LYS B 173 0.98 -8.49 -3.34
C LYS B 173 1.07 -7.58 -2.12
N HIS B 174 0.03 -6.79 -1.83
CA HIS B 174 -0.03 -5.94 -0.66
C HIS B 174 1.06 -4.89 -0.68
N LEU B 175 1.51 -4.48 -1.84
CA LEU B 175 2.59 -3.51 -1.93
C LEU B 175 2.03 -2.13 -1.98
N ILE B 176 0.89 -1.99 -2.67
CA ILE B 176 0.30 -0.67 -2.94
C ILE B 176 -1.19 -0.83 -2.63
N ASP B 177 -1.86 0.19 -2.07
CA ASP B 177 -3.28 0.06 -1.66
C ASP B 177 -4.25 -0.06 -2.80
N VAL B 178 -4.04 0.74 -3.83
CA VAL B 178 -5.07 0.95 -4.84
C VAL B 178 -4.43 0.89 -6.22
N GLY B 179 -5.18 0.43 -7.20
CA GLY B 179 -4.76 0.46 -8.58
C GLY B 179 -5.77 1.20 -9.41
N ALA B 180 -5.30 1.71 -10.54
CA ALA B 180 -6.20 2.33 -11.51
C ALA B 180 -6.11 1.63 -12.86
N LEU B 181 -7.27 1.30 -13.41
CA LEU B 181 -7.41 0.78 -14.77
C LEU B 181 -8.66 1.34 -15.36
N SER B 182 -8.81 1.13 -16.66
CA SER B 182 -10.07 1.37 -17.32
C SER B 182 -11.07 0.26 -17.05
N ASN B 183 -12.35 0.62 -17.08
CA ASN B 183 -13.45 -0.35 -17.01
C ASN B 183 -13.35 -1.39 -18.14
N VAL B 184 -12.79 -0.99 -19.26
CA VAL B 184 -12.59 -1.86 -20.40
C VAL B 184 -11.51 -2.89 -20.12
N ASP B 185 -10.39 -2.44 -19.55
CA ASP B 185 -9.33 -3.32 -19.08
C ASP B 185 -9.86 -4.33 -18.08
N TRP B 186 -10.79 -3.89 -17.24
CA TRP B 186 -11.32 -4.74 -16.19
C TRP B 186 -12.11 -5.97 -16.70
N ASP B 187 -12.95 -5.73 -17.71
CA ASP B 187 -13.82 -6.77 -18.29
C ASP B 187 -13.14 -7.55 -19.39
N ASP B 188 -11.93 -7.16 -19.74
CA ASP B 188 -11.18 -7.82 -20.78
C ASP B 188 -10.17 -8.66 -20.00
N GLU B 189 -10.10 -9.94 -20.31
CA GLU B 189 -9.42 -10.87 -19.41
C GLU B 189 -7.91 -10.94 -19.55
N ARG B 190 -7.32 -10.24 -20.53
CA ARG B 190 -5.87 -10.31 -20.78
C ARG B 190 -5.10 -9.44 -19.78
N HIS B 191 -5.64 -8.25 -19.55
CA HIS B 191 -5.05 -7.26 -18.66
C HIS B 191 -5.44 -7.54 -17.20
N MET B 192 -6.71 -7.86 -17.00
CA MET B 192 -7.25 -8.17 -15.67
C MET B 192 -7.79 -9.61 -15.64
N PRO B 193 -6.89 -10.61 -15.58
CA PRO B 193 -7.38 -11.99 -15.60
C PRO B 193 -8.25 -12.29 -14.40
N PRO B 194 -9.23 -13.20 -14.59
CA PRO B 194 -10.15 -13.50 -13.50
C PRO B 194 -9.48 -13.87 -12.22
N VAL B 195 -8.33 -14.56 -12.34
CA VAL B 195 -7.58 -14.97 -11.14
C VAL B 195 -7.04 -13.83 -10.25
N PHE B 196 -6.84 -12.65 -10.83
CA PHE B 196 -6.66 -11.40 -10.09
C PHE B 196 -8.02 -10.83 -9.67
N LYS B 197 -8.87 -10.67 -10.67
CA LYS B 197 -10.14 -9.95 -10.55
C LYS B 197 -10.95 -10.34 -9.31
N ARG B 198 -11.06 -11.65 -9.12
CA ARG B 198 -11.82 -12.24 -8.04
C ARG B 198 -11.36 -11.76 -6.65
N ASP B 199 -10.08 -11.41 -6.55
CA ASP B 199 -9.46 -10.98 -5.32
C ASP B 199 -9.54 -9.47 -5.11
N PHE B 200 -10.20 -8.76 -6.03
CA PHE B 200 -10.30 -7.31 -6.00
C PHE B 200 -11.74 -6.84 -5.92
N ARG B 201 -11.91 -5.58 -5.52
CA ARG B 201 -13.18 -4.88 -5.67
C ARG B 201 -13.02 -3.38 -6.01
N ILE B 202 -14.04 -2.88 -6.69
CA ILE B 202 -14.04 -1.52 -7.17
C ILE B 202 -14.48 -0.60 -6.07
N VAL B 203 -13.75 0.47 -5.85
CA VAL B 203 -14.15 1.42 -4.82
C VAL B 203 -14.57 2.77 -5.37
N HIS B 204 -14.30 3.05 -6.64
CA HIS B 204 -14.68 4.36 -7.18
C HIS B 204 -14.66 4.23 -8.68
N ARG B 205 -15.57 4.91 -9.36
CA ARG B 205 -15.52 5.00 -10.82
C ARG B 205 -15.49 6.48 -11.13
N THR B 206 -14.62 6.90 -12.03
CA THR B 206 -14.63 8.29 -12.50
C THR B 206 -15.78 8.45 -13.49
N ALA B 207 -16.13 9.69 -13.80
CA ALA B 207 -17.05 9.96 -14.88
C ALA B 207 -16.44 9.52 -16.22
N PRO B 208 -17.28 9.22 -17.20
CA PRO B 208 -16.76 8.71 -18.45
C PRO B 208 -16.20 9.80 -19.35
N VAL B 209 -15.26 9.42 -20.21
CA VAL B 209 -14.77 10.28 -21.29
C VAL B 209 -14.88 9.55 -22.57
N PRO B 210 -14.86 10.30 -23.70
CA PRO B 210 -14.80 9.56 -24.95
C PRO B 210 -13.55 8.70 -25.01
N ARG B 211 -13.70 7.55 -25.64
CA ARG B 211 -12.75 6.45 -25.64
CA ARG B 211 -12.72 6.46 -25.59
C ARG B 211 -11.44 6.84 -26.36
N ALA B 212 -11.61 7.41 -27.56
CA ALA B 212 -10.47 7.75 -28.46
C ALA B 212 -10.86 8.75 -29.54
N VAL B 213 -9.83 9.28 -30.20
CA VAL B 213 -9.97 10.40 -31.10
C VAL B 213 -8.80 10.34 -32.09
N GLU B 214 -9.06 10.62 -33.35
CA GLU B 214 -8.04 10.71 -34.34
C GLU B 214 -7.55 12.13 -34.29
N MET B 215 -6.22 12.32 -34.13
CA MET B 215 -5.60 13.65 -34.03
C MET B 215 -4.71 13.88 -35.23
N VAL B 216 -4.69 15.10 -35.75
CA VAL B 216 -3.84 15.42 -36.88
C VAL B 216 -3.00 16.60 -36.55
N ARG B 217 -1.82 16.65 -37.16
CA ARG B 217 -0.83 17.64 -36.79
C ARG B 217 -1.23 19.05 -37.14
N THR B 218 -0.72 19.94 -36.34
CA THR B 218 -0.72 21.34 -36.61
C THR B 218 -0.14 21.57 -37.99
N GLY B 219 -0.87 22.31 -38.85
CA GLY B 219 -0.31 22.74 -40.14
C GLY B 219 -0.46 21.75 -41.26
N MET B 220 -1.25 20.71 -41.04
N MET B 220 -1.23 20.69 -41.03
CA MET B 220 -1.52 19.69 -42.04
CA MET B 220 -1.46 19.69 -42.06
C MET B 220 -2.23 20.38 -43.16
C MET B 220 -2.23 20.37 -43.15
N ASP B 221 -1.89 20.08 -44.41
CA ASP B 221 -2.62 20.64 -45.54
C ASP B 221 -4.15 20.44 -45.44
N PRO B 222 -4.92 21.53 -45.55
CA PRO B 222 -6.37 21.42 -45.47
C PRO B 222 -6.96 20.35 -46.37
N ALA B 223 -6.51 20.23 -47.61
CA ALA B 223 -7.13 19.20 -48.50
C ALA B 223 -6.80 17.79 -48.00
N VAL B 224 -5.56 17.59 -47.59
CA VAL B 224 -5.15 16.27 -47.07
C VAL B 224 -5.96 15.91 -45.81
N GLU B 225 -6.21 16.90 -44.96
CA GLU B 225 -6.98 16.71 -43.73
C GLU B 225 -8.42 16.30 -44.02
N GLN B 226 -9.10 17.05 -44.88
CA GLN B 226 -10.47 16.71 -45.19
C GLN B 226 -10.57 15.34 -45.86
N ARG B 227 -9.64 15.02 -46.74
CA ARG B 227 -9.67 13.71 -47.38
C ARG B 227 -9.45 12.54 -46.36
N LEU B 228 -8.56 12.74 -45.39
CA LEU B 228 -8.30 11.70 -44.38
C LEU B 228 -9.59 11.50 -43.61
N ARG B 229 -10.26 12.59 -43.25
CA ARG B 229 -11.54 12.53 -42.54
C ARG B 229 -12.53 11.65 -43.26
N VAL B 230 -12.73 11.91 -44.54
CA VAL B 230 -13.66 11.14 -45.36
C VAL B 230 -13.24 9.69 -45.51
N VAL B 231 -11.95 9.47 -45.75
CA VAL B 231 -11.44 8.12 -45.94
C VAL B 231 -11.67 7.26 -44.71
N LEU B 232 -11.53 7.87 -43.55
CA LEU B 232 -11.66 7.13 -42.29
C LEU B 232 -13.13 6.88 -41.99
N LEU B 233 -13.99 7.87 -42.15
CA LEU B 233 -15.45 7.67 -42.00
C LEU B 233 -16.00 6.55 -42.90
N GLN B 234 -15.63 6.60 -44.17
CA GLN B 234 -16.04 5.57 -45.10
C GLN B 234 -15.37 4.24 -44.78
N ALA B 235 -14.14 4.26 -44.21
CA ALA B 235 -13.47 3.00 -43.79
C ALA B 235 -14.36 2.17 -42.86
N ALA B 236 -14.97 2.89 -41.91
CA ALA B 236 -15.78 2.29 -40.90
C ALA B 236 -17.01 1.54 -41.45
N SER B 237 -17.55 1.96 -42.61
CA SER B 237 -18.66 1.29 -43.31
C SER B 237 -18.20 0.31 -44.37
N ASP B 238 -16.91 0.23 -44.63
CA ASP B 238 -16.39 -0.49 -45.78
C ASP B 238 -15.94 -1.86 -45.32
N PRO B 239 -16.52 -2.96 -45.87
CA PRO B 239 -16.06 -4.36 -45.61
C PRO B 239 -14.57 -4.61 -45.78
N LYS B 240 -13.98 -3.98 -46.79
CA LYS B 240 -12.56 -4.12 -47.07
C LYS B 240 -11.64 -3.51 -45.98
N ALA B 241 -12.19 -2.63 -45.14
CA ALA B 241 -11.38 -2.04 -44.07
C ALA B 241 -11.49 -2.82 -42.77
N GLY B 242 -12.46 -3.75 -42.71
CA GLY B 242 -12.79 -4.51 -41.51
C GLY B 242 -11.58 -5.03 -40.76
N PRO B 243 -10.81 -5.92 -41.37
CA PRO B 243 -9.64 -6.49 -40.69
C PRO B 243 -8.60 -5.41 -40.31
N ALA B 244 -8.37 -4.43 -41.18
CA ALA B 244 -7.43 -3.38 -40.88
C ALA B 244 -7.91 -2.65 -39.64
N LEU B 245 -9.20 -2.31 -39.57
CA LEU B 245 -9.71 -1.59 -38.40
C LEU B 245 -9.69 -2.41 -37.09
N LYS B 246 -10.04 -3.71 -37.19
CA LYS B 246 -9.92 -4.59 -36.04
C LYS B 246 -8.50 -4.63 -35.52
N ARG B 247 -7.54 -4.63 -36.45
CA ARG B 247 -6.14 -4.64 -36.11
C ARG B 247 -5.72 -3.33 -35.47
N PHE B 248 -6.34 -2.23 -35.93
CA PHE B 248 -6.09 -0.89 -35.41
C PHE B 248 -6.79 -0.69 -34.07
N PHE B 249 -6.36 -1.44 -33.05
CA PHE B 249 -6.90 -1.33 -31.66
C PHE B 249 -8.38 -1.63 -31.60
N ASP B 250 -8.82 -2.54 -32.47
CA ASP B 250 -10.23 -2.89 -32.54
C ASP B 250 -11.17 -1.71 -32.72
N THR B 251 -10.83 -0.85 -33.67
CA THR B 251 -11.68 0.30 -33.96
C THR B 251 -12.98 -0.21 -34.62
N THR B 252 -14.12 0.06 -34.01
CA THR B 252 -15.43 -0.31 -34.58
C THR B 252 -16.25 0.88 -35.13
N GLY B 253 -15.69 2.07 -35.06
CA GLY B 253 -16.36 3.23 -35.66
C GLY B 253 -15.57 4.51 -35.52
N PHE B 254 -15.88 5.42 -36.44
CA PHE B 254 -15.44 6.79 -36.39
C PHE B 254 -16.66 7.62 -36.50
N ARG B 255 -16.69 8.76 -35.85
CA ARG B 255 -17.77 9.66 -36.09
C ARG B 255 -17.32 11.12 -36.14
N PRO B 256 -18.02 11.94 -36.94
CA PRO B 256 -17.71 13.36 -37.00
C PRO B 256 -17.62 13.99 -35.65
N LEU B 257 -16.86 15.04 -35.55
CA LEU B 257 -16.84 15.78 -34.31
C LEU B 257 -18.18 16.48 -34.21
N ASP B 258 -18.60 16.77 -32.98
CA ASP B 258 -19.82 17.54 -32.80
C ASP B 258 -19.69 18.34 -31.50
N PRO B 259 -20.69 19.21 -31.21
CA PRO B 259 -20.52 20.05 -30.04
C PRO B 259 -20.43 19.24 -28.74
N THR B 260 -21.07 18.08 -28.65
CA THR B 260 -20.99 17.29 -27.42
C THR B 260 -19.57 16.79 -27.25
N SER B 261 -19.05 16.11 -28.27
CA SER B 261 -17.67 15.65 -28.20
C SER B 261 -16.65 16.78 -27.94
N ARG B 262 -16.82 17.96 -28.53
CA ARG B 262 -15.83 19.05 -28.29
C ARG B 262 -15.88 19.64 -26.90
N ARG B 263 -17.07 19.64 -26.35
CA ARG B 263 -17.28 20.08 -25.00
C ARG B 263 -16.59 19.07 -24.07
N ARG B 264 -16.85 17.78 -24.27
CA ARG B 264 -16.29 16.77 -23.39
C ARG B 264 -14.75 16.74 -23.50
N LEU B 265 -14.19 17.01 -24.69
CA LEU B 265 -12.75 17.12 -24.86
C LEU B 265 -12.14 18.32 -24.24
N GLN B 266 -12.88 19.44 -24.25
CA GLN B 266 -12.36 20.64 -23.61
C GLN B 266 -12.36 20.47 -22.06
N GLU B 267 -13.40 19.83 -21.53
CA GLU B 267 -13.50 19.51 -20.10
C GLU B 267 -12.37 18.57 -19.67
N LEU B 268 -12.14 17.53 -20.47
CA LEU B 268 -11.06 16.64 -20.20
C LEU B 268 -9.77 17.38 -20.22
N SER B 269 -9.58 18.24 -21.23
CA SER B 269 -8.37 19.00 -21.35
C SER B 269 -8.11 19.91 -20.16
N ALA B 270 -9.16 20.56 -19.65
CA ALA B 270 -9.00 21.43 -18.50
C ALA B 270 -8.56 20.56 -17.27
N GLY B 271 -9.18 19.39 -17.09
CA GLY B 271 -8.71 18.43 -16.07
C GLY B 271 -7.27 17.97 -16.30
N VAL B 272 -6.93 17.63 -17.54
CA VAL B 272 -5.57 17.21 -17.85
C VAL B 272 -4.54 18.27 -17.47
N GLN B 273 -4.83 19.51 -17.82
CA GLN B 273 -4.00 20.66 -17.42
C GLN B 273 -3.79 20.76 -15.91
N ARG B 274 -4.88 20.53 -15.18
CA ARG B 274 -4.85 20.46 -13.71
C ARG B 274 -3.88 19.41 -13.22
N VAL B 275 -3.88 18.25 -13.86
CA VAL B 275 -2.96 17.17 -13.48
C VAL B 275 -1.55 17.62 -13.72
N ARG B 276 -1.32 18.26 -14.86
CA ARG B 276 0.04 18.62 -15.27
C ARG B 276 0.58 19.63 -14.32
N ASP B 277 -0.23 20.64 -14.03
CA ASP B 277 0.16 21.67 -13.07
C ASP B 277 0.55 21.13 -11.71
N HIS B 278 -0.12 20.09 -11.26
CA HIS B 278 0.15 19.50 -9.97
C HIS B 278 1.46 18.68 -9.99
N VAL B 279 1.72 17.97 -11.08
CA VAL B 279 2.66 16.87 -11.10
C VAL B 279 3.95 17.07 -11.94
N GLU B 280 3.92 17.93 -12.93
CA GLU B 280 5.02 17.92 -13.91
C GLU B 280 6.30 18.53 -13.43
P1 POP C . 2.96 -9.51 26.12
O1 POP C . 4.29 -9.99 25.54
O2 POP C . 1.64 -10.04 25.63
O3 POP C . 3.00 -9.35 27.61
O POP C . 2.81 -8.04 25.51
P2 POP C . 3.55 -6.69 25.94
O4 POP C . 4.71 -6.48 24.94
O5 POP C . 2.43 -5.71 25.77
O6 POP C . 4.15 -6.78 27.36
P1 POP D . -5.28 1.95 -23.22
O1 POP D . -6.47 1.79 -24.16
O2 POP D . -5.41 1.32 -21.84
O3 POP D . -3.86 1.81 -23.72
O POP D . -5.47 3.57 -23.06
P2 POP D . -4.99 4.54 -21.85
O4 POP D . -4.41 5.75 -22.63
O5 POP D . -6.29 4.68 -21.15
O6 POP D . -3.93 3.77 -21.03
#